data_2FJR
#
_entry.id   2FJR
#
_cell.length_a   109.137
_cell.length_b   109.137
_cell.length_c   93.092
_cell.angle_alpha   90.00
_cell.angle_beta   90.00
_cell.angle_gamma   90.00
#
_symmetry.space_group_name_H-M   'P 41 21 2'
#
loop_
_entity.id
_entity.type
_entity.pdbx_description
1 polymer 'Repressor protein CI'
2 water water
#
_entity_poly.entity_id   1
_entity_poly.type   'polypeptide(L)'
_entity_poly.pdbx_seq_one_letter_code
;DSLGWSNVDVLDRICEAYGFSQKIQLANHFDIASSSLSNRYTRGAISYDFAAHCALETGANLQWLLTGEGEAFVNNRESS
DAKRIEGFTLSEEILKSDKQLSVDAQFFTKPLTDGMAIRSEGKIYFVDKQASLSDGLWLVDIKGAISIRELTKLPGRKLH
VAGGKVPFECGIDDIKTLGRVVGVYSEVN
;
_entity_poly.pdbx_strand_id   A,B
#
# COMPACT_ATOMS: atom_id res chain seq x y z
N ASP A 1 33.90 2.69 -23.05
CA ASP A 1 34.22 1.75 -21.96
C ASP A 1 33.90 0.30 -22.40
N SER A 2 33.22 -0.45 -21.52
CA SER A 2 32.88 -1.85 -21.79
C SER A 2 31.94 -2.00 -22.98
N LEU A 3 32.51 -1.80 -24.16
CA LEU A 3 31.80 -1.87 -25.44
C LEU A 3 30.59 -2.79 -25.45
N GLY A 4 29.78 -2.61 -26.49
CA GLY A 4 28.59 -3.42 -26.65
C GLY A 4 27.37 -2.78 -26.06
N TRP A 5 27.47 -2.39 -24.80
CA TRP A 5 26.35 -1.77 -24.09
C TRP A 5 25.76 -0.58 -24.83
N SER A 6 24.47 -0.68 -25.11
CA SER A 6 23.74 0.35 -25.82
C SER A 6 23.09 1.34 -24.88
N ASN A 7 23.54 2.58 -24.90
CA ASN A 7 22.98 3.64 -24.06
C ASN A 7 21.50 3.80 -24.42
N VAL A 8 21.18 3.66 -25.70
CA VAL A 8 19.79 3.78 -26.13
C VAL A 8 18.94 2.69 -25.47
N ASP A 9 19.42 1.45 -25.50
CA ASP A 9 18.68 0.34 -24.88
C ASP A 9 18.55 0.49 -23.37
N VAL A 10 19.60 0.99 -22.72
CA VAL A 10 19.53 1.21 -21.27
C VAL A 10 18.43 2.23 -20.93
N LEU A 11 18.45 3.39 -21.60
CA LEU A 11 17.44 4.40 -21.35
C LEU A 11 16.03 3.85 -21.63
N ASP A 12 15.86 3.09 -22.72
CA ASP A 12 14.53 2.55 -23.00
C ASP A 12 14.09 1.51 -21.95
N ARG A 13 15.04 0.71 -21.45
CA ARG A 13 14.67 -0.26 -20.43
C ARG A 13 14.37 0.47 -19.12
N ILE A 14 15.03 1.60 -18.92
CA ILE A 14 14.75 2.40 -17.72
C ILE A 14 13.29 2.90 -17.88
N CYS A 15 12.90 3.30 -19.10
CA CYS A 15 11.54 3.77 -19.31
C CYS A 15 10.58 2.61 -19.02
N GLU A 16 10.96 1.42 -19.47
CA GLU A 16 10.15 0.22 -19.26
C GLU A 16 9.97 -0.04 -17.75
N ALA A 17 11.05 0.11 -16.99
CA ALA A 17 10.99 -0.11 -15.54
C ALA A 17 10.03 0.83 -14.84
N TYR A 18 10.00 2.09 -15.27
CA TYR A 18 9.10 3.06 -14.65
C TYR A 18 7.69 2.99 -15.22
N GLY A 19 7.54 2.25 -16.31
CA GLY A 19 6.23 2.15 -16.93
C GLY A 19 5.93 3.34 -17.83
N PHE A 20 6.99 4.03 -18.28
CA PHE A 20 6.84 5.20 -19.16
C PHE A 20 6.69 4.81 -20.62
N SER A 21 5.66 5.34 -21.28
CA SER A 21 5.48 5.03 -22.69
C SER A 21 6.17 6.05 -23.60
N GLN A 22 6.50 7.22 -23.06
CA GLN A 22 7.15 8.24 -23.87
C GLN A 22 8.42 8.77 -23.21
N LYS A 23 9.43 9.04 -24.03
CA LYS A 23 10.71 9.55 -23.53
C LYS A 23 10.56 10.80 -22.67
N ILE A 24 9.59 11.65 -22.99
CA ILE A 24 9.40 12.88 -22.24
C ILE A 24 9.11 12.63 -20.77
N GLN A 25 8.49 11.50 -20.47
CA GLN A 25 8.18 11.19 -19.09
C GLN A 25 9.46 10.95 -18.27
N LEU A 26 10.47 10.36 -18.90
CA LEU A 26 11.74 10.10 -18.23
C LEU A 26 12.44 11.44 -17.97
N ALA A 27 12.45 12.32 -18.97
CA ALA A 27 13.08 13.64 -18.79
C ALA A 27 12.44 14.34 -17.60
N ASN A 28 11.11 14.30 -17.56
CA ASN A 28 10.36 14.90 -16.47
C ASN A 28 10.69 14.26 -15.13
N HIS A 29 10.74 12.93 -15.14
CA HIS A 29 11.04 12.25 -13.91
C HIS A 29 12.35 12.71 -13.30
N PHE A 30 13.36 12.92 -14.14
CA PHE A 30 14.66 13.37 -13.63
C PHE A 30 14.89 14.88 -13.75
N ASP A 31 13.80 15.62 -13.94
CA ASP A 31 13.86 17.07 -14.02
C ASP A 31 14.90 17.62 -15.00
N ILE A 32 14.91 17.10 -16.22
CA ILE A 32 15.82 17.64 -17.24
C ILE A 32 14.96 18.00 -18.45
N ALA A 33 15.49 18.85 -19.33
CA ALA A 33 14.75 19.26 -20.51
C ALA A 33 14.71 18.11 -21.48
N SER A 34 13.67 18.07 -22.30
CA SER A 34 13.54 16.99 -23.28
C SER A 34 14.79 16.93 -24.18
N SER A 35 15.32 18.08 -24.56
CA SER A 35 16.51 18.12 -25.42
C SER A 35 17.75 17.51 -24.71
N SER A 36 17.81 17.68 -23.39
CA SER A 36 18.91 17.09 -22.60
C SER A 36 18.77 15.56 -22.62
N LEU A 37 17.55 15.07 -22.58
CA LEU A 37 17.35 13.63 -22.64
C LEU A 37 17.74 13.15 -24.05
N SER A 38 17.39 13.90 -25.09
CA SER A 38 17.76 13.48 -26.44
C SER A 38 19.28 13.33 -26.54
N ASN A 39 20.00 14.27 -25.94
CA ASN A 39 21.46 14.22 -25.96
C ASN A 39 21.95 12.95 -25.24
N ARG A 40 21.26 12.55 -24.17
CA ARG A 40 21.66 11.35 -23.46
C ARG A 40 21.51 10.11 -24.36
N TYR A 41 20.50 10.13 -25.22
CA TYR A 41 20.27 9.04 -26.16
C TYR A 41 21.28 9.06 -27.34
N THR A 42 21.62 10.27 -27.80
CA THR A 42 22.55 10.43 -28.90
C THR A 42 23.99 10.10 -28.50
N ARG A 43 24.39 10.52 -27.30
CA ARG A 43 25.76 10.29 -26.86
C ARG A 43 26.04 8.80 -26.64
N GLY A 44 27.33 8.44 -26.72
CA GLY A 44 27.68 7.05 -26.54
C GLY A 44 27.70 6.59 -25.08
N ALA A 45 28.01 7.51 -24.17
CA ALA A 45 28.12 7.19 -22.74
C ALA A 45 26.82 6.74 -22.08
N ILE A 46 26.90 5.64 -21.32
CA ILE A 46 25.76 5.08 -20.61
C ILE A 46 25.31 6.02 -19.48
N SER A 47 24.00 6.11 -19.25
CA SER A 47 23.47 6.94 -18.17
C SER A 47 23.42 6.15 -16.87
N TYR A 48 24.59 5.91 -16.27
CA TYR A 48 24.64 5.17 -15.03
C TYR A 48 23.87 5.87 -13.93
N ASP A 49 23.85 7.20 -13.94
CA ASP A 49 23.10 7.88 -12.89
C ASP A 49 21.62 7.52 -12.95
N PHE A 50 21.02 7.54 -14.13
CA PHE A 50 19.60 7.19 -14.26
C PHE A 50 19.34 5.73 -13.96
N ALA A 51 20.26 4.88 -14.40
CA ALA A 51 20.09 3.44 -14.21
C ALA A 51 20.14 3.14 -12.71
N ALA A 52 21.07 3.78 -12.01
CA ALA A 52 21.19 3.58 -10.57
C ALA A 52 19.94 4.05 -9.86
N HIS A 53 19.46 5.24 -10.19
CA HIS A 53 18.26 5.72 -9.52
C HIS A 53 17.05 4.91 -9.91
N CYS A 54 17.02 4.38 -11.14
CA CYS A 54 15.90 3.56 -11.57
C CYS A 54 15.90 2.27 -10.70
N ALA A 55 17.08 1.68 -10.53
CA ALA A 55 17.25 0.49 -9.71
C ALA A 55 16.66 0.76 -8.32
N LEU A 56 17.18 1.80 -7.66
CA LEU A 56 16.74 2.19 -6.32
C LEU A 56 15.25 2.48 -6.20
N GLU A 57 14.70 3.23 -7.15
CA GLU A 57 13.28 3.59 -7.09
C GLU A 57 12.26 2.54 -7.48
N THR A 58 12.58 1.71 -8.46
CA THR A 58 11.63 0.71 -8.90
C THR A 58 12.00 -0.70 -8.46
N GLY A 59 13.23 -0.90 -8.00
CA GLY A 59 13.64 -2.22 -7.60
C GLY A 59 14.01 -3.05 -8.82
N ALA A 60 14.05 -2.42 -9.98
CA ALA A 60 14.40 -3.12 -11.20
C ALA A 60 15.83 -3.64 -11.09
N ASN A 61 16.07 -4.79 -11.72
CA ASN A 61 17.38 -5.43 -11.72
C ASN A 61 18.44 -4.61 -12.49
N LEU A 62 19.49 -4.17 -11.81
CA LEU A 62 20.54 -3.38 -12.44
C LEU A 62 21.13 -4.05 -13.67
N GLN A 63 21.55 -5.30 -13.49
CA GLN A 63 22.14 -6.05 -14.59
C GLN A 63 21.25 -5.99 -15.84
N TRP A 64 19.94 -6.15 -15.63
CA TRP A 64 18.97 -6.12 -16.75
C TRP A 64 18.89 -4.72 -17.36
N LEU A 65 18.88 -3.70 -16.51
CA LEU A 65 18.81 -2.32 -17.02
C LEU A 65 20.00 -2.07 -17.94
N LEU A 66 21.18 -2.45 -17.50
CA LEU A 66 22.38 -2.19 -18.29
C LEU A 66 22.63 -3.11 -19.49
N THR A 67 22.23 -4.38 -19.37
CA THR A 67 22.46 -5.35 -20.45
C THR A 67 21.20 -5.91 -21.11
N GLY A 68 20.09 -5.89 -20.39
CA GLY A 68 18.87 -6.43 -20.97
C GLY A 68 18.81 -7.94 -20.75
N GLU A 69 19.83 -8.46 -20.07
CA GLU A 69 19.90 -9.88 -19.75
C GLU A 69 18.97 -10.18 -18.57
N GLY A 70 18.29 -11.32 -18.62
CA GLY A 70 17.39 -11.67 -17.54
C GLY A 70 16.04 -11.00 -17.71
N GLU A 71 15.52 -10.46 -16.62
CA GLU A 71 14.22 -9.79 -16.66
C GLU A 71 14.17 -8.62 -15.67
N ALA A 72 13.37 -7.61 -16.01
CA ALA A 72 13.24 -6.43 -15.16
C ALA A 72 13.00 -6.78 -13.70
N PHE A 73 11.85 -7.37 -13.40
CA PHE A 73 11.50 -7.74 -12.03
C PHE A 73 11.16 -9.23 -11.90
N VAL A 74 11.32 -9.74 -10.68
CA VAL A 74 11.03 -11.14 -10.38
C VAL A 74 9.60 -11.27 -9.84
N ASN A 75 9.35 -10.71 -8.65
CA ASN A 75 8.02 -10.76 -8.02
C ASN A 75 7.56 -9.51 -7.25
N ASN A 76 8.37 -9.02 -6.31
CA ASN A 76 8.00 -7.82 -5.53
C ASN A 76 8.35 -6.53 -6.26
N ARG A 77 7.52 -5.49 -6.06
CA ARG A 77 7.71 -4.20 -6.72
C ARG A 77 7.72 -4.43 -8.22
N GLU A 78 7.21 -5.59 -8.64
CA GLU A 78 7.10 -6.01 -10.05
C GLU A 78 6.32 -4.96 -10.83
N SER A 79 6.99 -4.25 -11.74
CA SER A 79 6.30 -3.20 -12.50
C SER A 79 6.00 -2.04 -11.52
N SER A 80 5.25 -2.42 -10.44
CA SER A 80 4.73 -1.69 -9.23
C SER A 80 3.79 -0.47 -9.43
N ASP A 81 4.17 0.62 -8.71
CA ASP A 81 3.57 2.00 -8.60
C ASP A 81 4.44 2.76 -7.59
N ALA A 82 4.25 2.47 -6.30
CA ALA A 82 5.08 3.05 -5.25
C ALA A 82 5.24 2.08 -4.08
N LYS A 83 6.46 1.98 -3.56
CA LYS A 83 6.73 1.11 -2.42
C LYS A 83 7.25 2.02 -1.33
N ARG A 84 8.19 2.87 -1.69
CA ARG A 84 8.73 3.83 -0.74
C ARG A 84 8.42 5.18 -1.38
N ILE A 85 7.73 6.04 -0.65
CA ILE A 85 7.37 7.34 -1.19
C ILE A 85 7.98 8.43 -0.32
N GLU A 86 8.56 9.45 -0.96
CA GLU A 86 9.14 10.55 -0.21
C GLU A 86 8.03 11.12 0.66
N GLY A 87 8.35 11.38 1.92
CA GLY A 87 7.36 11.88 2.85
C GLY A 87 7.64 13.31 3.26
N PHE A 88 6.57 14.00 3.63
CA PHE A 88 6.63 15.39 4.02
C PHE A 88 5.58 15.70 5.06
N THR A 89 5.71 16.85 5.67
CA THR A 89 4.72 17.33 6.60
C THR A 89 4.32 18.70 6.03
N LEU A 90 3.04 19.01 6.10
CA LEU A 90 2.55 20.32 5.64
C LEU A 90 1.89 20.91 6.87
N SER A 91 2.42 22.03 7.33
CA SER A 91 1.90 22.69 8.52
C SER A 91 2.19 24.18 8.40
N GLU A 92 1.21 25.02 8.73
CA GLU A 92 1.37 26.47 8.65
C GLU A 92 1.76 26.92 7.25
N GLU A 93 1.20 26.24 6.24
CA GLU A 93 1.46 26.54 4.83
C GLU A 93 2.93 26.36 4.42
N ILE A 94 3.64 25.60 5.25
CA ILE A 94 5.05 25.30 5.03
C ILE A 94 5.19 23.77 4.82
N LEU A 95 5.86 23.36 3.75
CA LEU A 95 6.05 21.94 3.45
C LEU A 95 7.49 21.57 3.79
N LYS A 96 7.67 20.57 4.65
CA LYS A 96 9.01 20.13 5.05
C LYS A 96 9.23 18.64 4.74
N SER A 97 10.43 18.30 4.27
CA SER A 97 10.77 16.91 3.99
C SER A 97 10.68 16.16 5.32
N ASP A 98 10.29 14.90 5.26
CA ASP A 98 10.17 14.08 6.45
C ASP A 98 10.68 12.68 6.05
N LYS A 99 10.49 11.68 6.90
CA LYS A 99 10.95 10.36 6.52
C LYS A 99 10.01 9.75 5.50
N GLN A 100 10.54 8.87 4.66
CA GLN A 100 9.71 8.24 3.65
C GLN A 100 8.67 7.29 4.24
N LEU A 101 7.65 7.00 3.46
CA LEU A 101 6.59 6.12 3.91
C LEU A 101 6.54 4.90 3.00
N SER A 102 6.46 3.71 3.57
CA SER A 102 6.39 2.48 2.77
C SER A 102 4.92 2.19 2.54
N VAL A 103 4.54 2.01 1.29
CA VAL A 103 3.15 1.72 0.97
C VAL A 103 3.09 0.73 -0.16
N ASP A 104 2.00 -0.01 -0.22
CA ASP A 104 1.82 -1.02 -1.24
C ASP A 104 1.39 -0.41 -2.57
N ALA A 105 1.92 -0.95 -3.66
CA ALA A 105 1.59 -0.46 -4.99
C ALA A 105 0.10 -0.68 -5.21
N GLN A 106 -0.48 -1.55 -4.39
CA GLN A 106 -1.91 -1.84 -4.50
C GLN A 106 -2.77 -0.63 -4.12
N PHE A 107 -2.15 0.35 -3.48
CA PHE A 107 -2.88 1.56 -3.10
C PHE A 107 -3.30 2.37 -4.31
N PHE A 108 -2.58 2.24 -5.41
CA PHE A 108 -2.90 3.04 -6.58
C PHE A 108 -3.28 2.25 -7.83
N THR A 109 -4.44 2.55 -8.39
CA THR A 109 -4.90 1.86 -9.59
C THR A 109 -4.01 2.23 -10.75
N LYS A 110 -3.60 3.49 -10.77
CA LYS A 110 -2.72 4.02 -11.79
C LYS A 110 -1.35 4.11 -11.12
N PRO A 111 -0.27 3.78 -11.84
CA PRO A 111 1.09 3.83 -11.29
C PRO A 111 1.41 5.18 -10.64
N LEU A 112 2.21 5.17 -9.58
CA LEU A 112 2.60 6.42 -8.91
C LEU A 112 4.11 6.49 -8.93
N THR A 113 4.66 6.99 -10.03
CA THR A 113 6.11 7.06 -10.17
C THR A 113 6.78 8.27 -9.55
N ASP A 114 6.07 9.38 -9.48
CA ASP A 114 6.67 10.56 -8.87
C ASP A 114 5.72 11.05 -7.79
N GLY A 115 5.71 10.35 -6.66
CA GLY A 115 4.82 10.71 -5.59
C GLY A 115 5.39 11.35 -4.35
N MET A 116 4.48 11.85 -3.52
CA MET A 116 4.80 12.48 -2.26
C MET A 116 3.72 11.95 -1.30
N ALA A 117 4.12 11.73 -0.05
CA ALA A 117 3.22 11.29 1.02
C ALA A 117 3.31 12.45 1.99
N ILE A 118 2.23 13.21 2.05
CA ILE A 118 2.19 14.41 2.86
C ILE A 118 1.29 14.31 4.06
N ARG A 119 1.87 14.46 5.23
CA ARG A 119 1.12 14.43 6.49
C ARG A 119 0.60 15.82 6.70
N SER A 120 -0.71 15.94 6.79
CA SER A 120 -1.33 17.24 7.02
C SER A 120 -2.62 17.07 7.80
N GLU A 121 -2.73 17.81 8.90
CA GLU A 121 -3.93 17.78 9.73
C GLU A 121 -4.34 16.35 10.09
N GLY A 122 -3.39 15.54 10.52
CA GLY A 122 -3.73 14.17 10.90
C GLY A 122 -4.14 13.21 9.78
N LYS A 123 -3.87 13.58 8.54
CA LYS A 123 -4.18 12.67 7.42
C LYS A 123 -2.90 12.56 6.58
N ILE A 124 -2.84 11.58 5.70
CA ILE A 124 -1.68 11.44 4.81
C ILE A 124 -2.21 11.50 3.39
N TYR A 125 -1.79 12.53 2.66
CA TYR A 125 -2.25 12.74 1.30
C TYR A 125 -1.20 12.21 0.34
N PHE A 126 -1.62 11.37 -0.59
CA PHE A 126 -0.70 10.84 -1.58
C PHE A 126 -0.86 11.66 -2.84
N VAL A 127 0.24 12.30 -3.24
CA VAL A 127 0.24 13.21 -4.37
C VAL A 127 1.07 12.77 -5.57
N ASP A 128 0.50 12.91 -6.76
CA ASP A 128 1.18 12.57 -8.00
C ASP A 128 1.67 13.90 -8.62
N LYS A 129 2.96 14.12 -8.50
CA LYS A 129 3.57 15.34 -9.05
C LYS A 129 3.47 15.48 -10.57
N GLN A 130 3.28 14.38 -11.28
CA GLN A 130 3.20 14.41 -12.73
C GLN A 130 1.78 14.46 -13.32
N ALA A 131 0.78 14.49 -12.47
CA ALA A 131 -0.61 14.51 -12.93
C ALA A 131 -0.92 15.62 -13.93
N SER A 132 -1.72 15.30 -14.95
CA SER A 132 -2.12 16.34 -15.91
C SER A 132 -3.15 17.22 -15.15
N LEU A 133 -3.19 18.50 -15.51
CA LEU A 133 -4.12 19.42 -14.85
C LEU A 133 -5.54 18.98 -15.16
N SER A 134 -6.34 18.84 -14.11
CA SER A 134 -7.72 18.40 -14.26
C SER A 134 -8.42 18.70 -12.94
N ASP A 135 -9.75 18.73 -12.94
CA ASP A 135 -10.47 19.00 -11.71
C ASP A 135 -10.05 17.98 -10.65
N GLY A 136 -10.00 18.43 -9.41
CA GLY A 136 -9.64 17.49 -8.36
C GLY A 136 -9.01 18.20 -7.20
N LEU A 137 -8.48 17.42 -6.27
CA LEU A 137 -7.81 17.97 -5.08
C LEU A 137 -6.34 18.06 -5.41
N TRP A 138 -5.77 19.26 -5.25
CA TRP A 138 -4.36 19.48 -5.60
C TRP A 138 -3.49 20.11 -4.52
N LEU A 139 -2.19 19.77 -4.54
CA LEU A 139 -1.21 20.42 -3.67
C LEU A 139 -0.82 21.62 -4.56
N VAL A 140 -0.94 22.84 -4.05
CA VAL A 140 -0.61 24.04 -4.83
C VAL A 140 0.25 25.03 -4.01
N ASP A 141 0.90 25.94 -4.72
CA ASP A 141 1.74 26.96 -4.09
C ASP A 141 1.14 28.27 -4.56
N ILE A 142 0.62 29.05 -3.63
CA ILE A 142 0.00 30.31 -3.98
C ILE A 142 0.87 31.42 -3.39
N LYS A 143 1.66 32.05 -4.26
CA LYS A 143 2.57 33.13 -3.88
C LYS A 143 3.58 32.67 -2.79
N GLY A 144 3.89 31.38 -2.76
CA GLY A 144 4.82 30.89 -1.78
C GLY A 144 4.21 30.06 -0.67
N ALA A 145 2.91 30.25 -0.40
CA ALA A 145 2.23 29.47 0.66
C ALA A 145 1.74 28.16 0.05
N ILE A 146 1.97 27.05 0.75
CA ILE A 146 1.56 25.75 0.22
C ILE A 146 0.28 25.24 0.90
N SER A 147 -0.65 24.72 0.12
CA SER A 147 -1.91 24.21 0.68
C SER A 147 -2.49 23.14 -0.24
N ILE A 148 -3.57 22.52 0.22
CA ILE A 148 -4.22 21.49 -0.56
C ILE A 148 -5.57 22.12 -0.87
N ARG A 149 -5.90 22.26 -2.16
CA ARG A 149 -7.14 22.91 -2.51
C ARG A 149 -7.86 22.20 -3.66
N GLU A 150 -9.19 22.33 -3.69
CA GLU A 150 -9.95 21.74 -4.78
C GLU A 150 -9.90 22.71 -5.97
N LEU A 151 -9.47 22.21 -7.13
CA LEU A 151 -9.36 23.03 -8.32
C LEU A 151 -10.40 22.61 -9.32
N THR A 152 -10.95 23.59 -10.02
CA THR A 152 -11.92 23.32 -11.08
C THR A 152 -11.47 24.13 -12.28
N LYS A 153 -11.24 23.45 -13.40
CA LYS A 153 -10.82 24.17 -14.62
C LYS A 153 -11.97 25.01 -15.17
N LEU A 154 -11.66 26.24 -15.55
CA LEU A 154 -12.66 27.17 -16.10
C LEU A 154 -12.25 27.56 -17.51
N PRO A 155 -13.23 27.94 -18.34
CA PRO A 155 -12.91 28.34 -19.72
C PRO A 155 -11.89 29.47 -19.74
N GLY A 156 -11.08 29.53 -20.78
CA GLY A 156 -10.12 30.62 -20.84
C GLY A 156 -8.84 30.36 -20.06
N ARG A 157 -8.52 29.08 -19.80
CA ARG A 157 -7.28 28.73 -19.08
C ARG A 157 -7.31 29.35 -17.69
N LYS A 158 -8.43 29.17 -16.99
CA LYS A 158 -8.57 29.70 -15.63
C LYS A 158 -8.86 28.57 -14.68
N LEU A 159 -8.84 28.89 -13.38
CA LEU A 159 -9.08 27.91 -12.34
C LEU A 159 -9.96 28.51 -11.27
N HIS A 160 -10.83 27.68 -10.69
CA HIS A 160 -11.63 28.08 -9.53
C HIS A 160 -10.86 27.33 -8.44
N VAL A 161 -10.46 28.06 -7.39
CA VAL A 161 -9.68 27.51 -6.29
C VAL A 161 -10.51 27.55 -4.98
N ALA A 162 -10.81 26.38 -4.43
CA ALA A 162 -11.62 26.24 -3.21
C ALA A 162 -10.91 25.43 -2.12
N GLY A 163 -11.33 25.63 -0.86
CA GLY A 163 -10.70 24.85 0.20
C GLY A 163 -10.14 25.71 1.31
N GLY A 164 -9.73 26.93 0.97
CA GLY A 164 -9.22 27.83 1.99
C GLY A 164 -10.44 28.49 2.63
N LYS A 165 -10.23 29.56 3.38
CA LYS A 165 -11.36 30.24 4.01
C LYS A 165 -12.43 30.70 3.00
N VAL A 166 -12.01 31.24 1.86
CA VAL A 166 -12.95 31.70 0.80
C VAL A 166 -12.34 31.22 -0.54
N PRO A 167 -13.18 31.03 -1.60
CA PRO A 167 -12.60 30.58 -2.88
C PRO A 167 -12.21 31.78 -3.73
N PHE A 168 -11.45 31.54 -4.80
CA PHE A 168 -11.11 32.63 -5.71
C PHE A 168 -10.89 32.02 -7.09
N GLU A 169 -10.73 32.87 -8.10
CA GLU A 169 -10.48 32.37 -9.45
C GLU A 169 -9.25 33.12 -9.97
N CYS A 170 -8.49 32.48 -10.84
CA CYS A 170 -7.25 33.07 -11.34
C CYS A 170 -6.89 32.33 -12.62
N GLY A 171 -5.81 32.74 -13.27
CA GLY A 171 -5.39 32.04 -14.48
C GLY A 171 -4.46 30.90 -14.10
N ILE A 172 -4.20 30.00 -15.04
CA ILE A 172 -3.33 28.87 -14.74
C ILE A 172 -1.91 29.36 -14.54
N ASP A 173 -1.67 30.62 -14.87
CA ASP A 173 -0.33 31.15 -14.68
C ASP A 173 -0.19 31.94 -13.37
N ASP A 174 -1.24 32.02 -12.56
CA ASP A 174 -1.19 32.77 -11.31
C ASP A 174 -0.84 31.99 -10.03
N ILE A 175 -0.88 30.67 -10.10
CA ILE A 175 -0.53 29.84 -8.94
C ILE A 175 0.22 28.65 -9.51
N LYS A 176 0.98 27.94 -8.67
CA LYS A 176 1.72 26.80 -9.16
C LYS A 176 1.09 25.51 -8.64
N THR A 177 0.79 24.57 -9.54
CA THR A 177 0.21 23.30 -9.12
C THR A 177 1.39 22.34 -8.93
N LEU A 178 1.48 21.77 -7.74
CA LEU A 178 2.58 20.87 -7.42
C LEU A 178 2.29 19.40 -7.69
N GLY A 179 1.02 19.01 -7.64
CA GLY A 179 0.68 17.61 -7.89
C GLY A 179 -0.74 17.33 -7.48
N ARG A 180 -1.32 16.28 -8.01
CA ARG A 180 -2.71 15.96 -7.69
C ARG A 180 -2.85 14.86 -6.63
N VAL A 181 -3.75 15.06 -5.67
CA VAL A 181 -3.97 14.05 -4.63
C VAL A 181 -4.69 12.88 -5.28
N VAL A 182 -4.08 11.70 -5.18
CA VAL A 182 -4.71 10.53 -5.77
C VAL A 182 -5.23 9.57 -4.69
N GLY A 183 -4.92 9.86 -3.45
CA GLY A 183 -5.38 8.99 -2.38
C GLY A 183 -5.15 9.67 -1.08
N VAL A 184 -5.96 9.32 -0.07
CA VAL A 184 -5.82 9.94 1.23
C VAL A 184 -6.00 8.86 2.31
N TYR A 185 -5.14 8.88 3.32
CA TYR A 185 -5.27 7.94 4.43
C TYR A 185 -5.55 8.71 5.70
N SER A 186 -6.45 8.20 6.54
CA SER A 186 -6.69 8.86 7.81
C SER A 186 -6.93 7.82 8.88
N GLU A 187 -6.30 8.01 10.02
CA GLU A 187 -6.46 7.13 11.15
C GLU A 187 -7.81 7.52 11.73
N VAL A 188 -8.57 6.52 12.19
CA VAL A 188 -9.87 6.79 12.79
C VAL A 188 -9.81 6.47 14.27
N ASN A 189 -9.03 7.26 15.02
CA ASN A 189 -8.86 7.06 16.46
C ASN A 189 -10.16 7.24 17.25
N ASP B 1 14.16 -37.07 0.71
CA ASP B 1 13.18 -36.30 1.52
C ASP B 1 12.82 -37.11 2.74
N SER B 2 13.64 -36.95 3.78
CA SER B 2 13.49 -37.66 5.05
C SER B 2 14.74 -37.26 5.85
N LEU B 3 14.95 -35.94 5.91
CA LEU B 3 16.10 -35.36 6.58
C LEU B 3 15.87 -35.13 8.07
N GLY B 4 14.81 -35.71 8.60
CA GLY B 4 14.49 -35.59 10.00
C GLY B 4 14.00 -34.23 10.47
N TRP B 5 13.05 -33.66 9.75
CA TRP B 5 12.49 -32.36 10.11
C TRP B 5 11.19 -32.49 10.91
N SER B 6 10.88 -31.49 11.72
CA SER B 6 9.66 -31.51 12.53
C SER B 6 8.48 -30.84 11.86
N ASN B 7 7.40 -31.60 11.68
CA ASN B 7 6.21 -31.05 11.05
C ASN B 7 5.61 -29.92 11.89
N VAL B 8 5.35 -30.19 13.16
CA VAL B 8 4.76 -29.17 14.04
C VAL B 8 5.64 -27.92 14.08
N ASP B 9 6.95 -28.09 14.06
CA ASP B 9 7.86 -26.96 14.05
C ASP B 9 7.66 -26.11 12.80
N VAL B 10 7.63 -26.75 11.64
CA VAL B 10 7.43 -26.03 10.38
C VAL B 10 6.06 -25.36 10.37
N LEU B 11 5.05 -26.06 10.86
CA LEU B 11 3.70 -25.51 10.90
C LEU B 11 3.62 -24.27 11.81
N ASP B 12 4.43 -24.25 12.87
CA ASP B 12 4.45 -23.11 13.79
C ASP B 12 5.36 -22.02 13.25
N ARG B 13 6.56 -22.40 12.83
CA ARG B 13 7.52 -21.45 12.29
C ARG B 13 6.90 -20.76 11.08
N ILE B 14 5.85 -21.38 10.54
CA ILE B 14 5.12 -20.82 9.41
C ILE B 14 4.17 -19.77 9.97
N CYS B 15 3.65 -20.03 11.16
CA CYS B 15 2.73 -19.10 11.84
C CYS B 15 3.45 -17.81 12.20
N GLU B 16 4.66 -17.92 12.74
CA GLU B 16 5.45 -16.74 13.08
C GLU B 16 5.62 -15.91 11.81
N ALA B 17 5.92 -16.59 10.70
CA ALA B 17 6.10 -15.95 9.41
C ALA B 17 4.88 -15.10 9.10
N TYR B 18 3.73 -15.76 8.92
CA TYR B 18 2.50 -15.04 8.66
C TYR B 18 2.31 -14.03 9.79
N GLY B 19 2.54 -14.50 11.03
CA GLY B 19 2.39 -13.66 12.20
C GLY B 19 1.20 -14.06 13.03
N PHE B 20 0.95 -15.37 13.16
CA PHE B 20 -0.18 -15.87 13.93
C PHE B 20 0.15 -16.38 15.33
N SER B 21 -0.91 -16.59 16.11
CA SER B 21 -0.80 -17.09 17.48
C SER B 21 -1.74 -18.28 17.66
N GLN B 22 -2.78 -18.33 16.84
CA GLN B 22 -3.76 -19.40 16.90
C GLN B 22 -3.72 -20.34 15.69
N LYS B 23 -4.04 -21.61 15.93
CA LYS B 23 -4.05 -22.63 14.88
C LYS B 23 -5.31 -22.59 14.03
N ILE B 24 -6.25 -21.73 14.37
CA ILE B 24 -7.46 -21.62 13.59
C ILE B 24 -7.14 -20.63 12.47
N GLN B 25 -6.01 -19.96 12.66
CA GLN B 25 -5.51 -18.98 11.70
C GLN B 25 -4.83 -19.68 10.53
N LEU B 26 -5.16 -20.96 10.32
CA LEU B 26 -4.61 -21.76 9.23
C LEU B 26 -5.64 -22.61 8.50
N ALA B 27 -6.44 -23.36 9.25
CA ALA B 27 -7.46 -24.26 8.68
C ALA B 27 -8.36 -23.61 7.63
N ASN B 28 -9.03 -22.52 8.01
CA ASN B 28 -9.93 -21.83 7.08
C ASN B 28 -9.12 -21.19 5.97
N HIS B 29 -7.93 -20.72 6.33
CA HIS B 29 -7.03 -20.07 5.39
C HIS B 29 -6.85 -20.92 4.14
N PHE B 30 -6.49 -22.19 4.32
CA PHE B 30 -6.29 -23.08 3.19
C PHE B 30 -7.58 -23.84 2.87
N ASP B 31 -8.67 -23.44 3.51
CA ASP B 31 -10.01 -24.05 3.32
C ASP B 31 -10.05 -25.56 3.60
N ILE B 32 -9.56 -25.96 4.77
CA ILE B 32 -9.54 -27.35 5.18
C ILE B 32 -10.26 -27.54 6.51
N ALA B 33 -10.94 -28.68 6.67
CA ALA B 33 -11.64 -28.96 7.92
C ALA B 33 -10.61 -29.09 9.05
N SER B 34 -10.92 -28.48 10.20
CA SER B 34 -10.04 -28.50 11.36
C SER B 34 -9.45 -29.88 11.63
N SER B 35 -10.25 -30.91 11.35
CA SER B 35 -9.82 -32.29 11.53
C SER B 35 -8.67 -32.60 10.58
N SER B 36 -8.78 -32.13 9.33
CA SER B 36 -7.74 -32.36 8.34
C SER B 36 -6.43 -31.71 8.79
N LEU B 37 -6.55 -30.54 9.41
CA LEU B 37 -5.39 -29.79 9.90
C LEU B 37 -4.72 -30.46 11.10
N SER B 38 -5.50 -31.04 12.01
CA SER B 38 -4.88 -31.69 13.16
C SER B 38 -4.02 -32.84 12.62
N ASN B 39 -4.50 -33.48 11.56
CA ASN B 39 -3.78 -34.57 10.90
C ASN B 39 -2.38 -34.10 10.47
N ARG B 40 -2.32 -32.89 9.93
CA ARG B 40 -1.04 -32.33 9.49
C ARG B 40 -0.12 -32.15 10.69
N TYR B 41 -0.70 -31.87 11.85
CA TYR B 41 0.09 -31.69 13.06
C TYR B 41 0.54 -33.03 13.61
N THR B 42 -0.29 -34.06 13.39
CA THR B 42 0.01 -35.41 13.85
C THR B 42 1.13 -36.10 13.06
N ARG B 43 0.84 -36.45 11.81
CA ARG B 43 1.81 -37.15 10.97
C ARG B 43 3.12 -36.39 10.76
N GLY B 44 4.22 -37.13 10.66
CA GLY B 44 5.52 -36.52 10.46
C GLY B 44 5.78 -35.92 9.07
N ALA B 45 4.91 -36.23 8.11
CA ALA B 45 5.04 -35.71 6.75
C ALA B 45 4.90 -34.18 6.71
N ILE B 46 5.98 -33.51 6.32
CA ILE B 46 6.00 -32.05 6.26
C ILE B 46 4.97 -31.45 5.30
N SER B 47 4.31 -30.38 5.75
CA SER B 47 3.33 -29.71 4.91
C SER B 47 4.08 -28.77 3.99
N TYR B 48 4.71 -29.36 2.96
CA TYR B 48 5.47 -28.57 2.01
C TYR B 48 4.56 -27.64 1.28
N ASP B 49 3.32 -28.04 1.11
CA ASP B 49 2.39 -27.19 0.40
C ASP B 49 2.16 -25.88 1.15
N PHE B 50 2.09 -25.94 2.47
CA PHE B 50 1.86 -24.73 3.27
C PHE B 50 3.13 -23.91 3.35
N ALA B 51 4.28 -24.58 3.44
CA ALA B 51 5.55 -23.87 3.51
C ALA B 51 5.78 -23.08 2.23
N ALA B 52 5.42 -23.68 1.09
CA ALA B 52 5.60 -23.00 -0.19
C ALA B 52 4.63 -21.81 -0.31
N HIS B 53 3.34 -22.04 -0.05
CA HIS B 53 2.35 -20.98 -0.15
C HIS B 53 2.59 -19.85 0.85
N CYS B 54 3.16 -20.19 2.01
CA CYS B 54 3.50 -19.23 3.06
C CYS B 54 4.66 -18.39 2.53
N ALA B 55 5.63 -19.09 1.93
CA ALA B 55 6.78 -18.40 1.37
C ALA B 55 6.28 -17.46 0.28
N LEU B 56 5.32 -17.91 -0.53
CA LEU B 56 4.80 -17.08 -1.60
C LEU B 56 3.89 -15.95 -1.09
N GLU B 57 2.93 -16.31 -0.25
CA GLU B 57 1.97 -15.36 0.31
C GLU B 57 2.50 -14.31 1.29
N THR B 58 3.46 -14.69 2.13
CA THR B 58 3.99 -13.73 3.10
C THR B 58 5.38 -13.25 2.75
N GLY B 59 6.03 -13.89 1.79
CA GLY B 59 7.37 -13.48 1.42
C GLY B 59 8.44 -14.00 2.35
N ALA B 60 8.02 -14.71 3.38
CA ALA B 60 8.95 -15.29 4.35
C ALA B 60 9.91 -16.26 3.64
N ASN B 61 11.12 -16.38 4.18
CA ASN B 61 12.16 -17.24 3.62
C ASN B 61 11.83 -18.74 3.73
N LEU B 62 12.01 -19.47 2.64
CA LEU B 62 11.73 -20.91 2.62
C LEU B 62 12.77 -21.67 3.45
N GLN B 63 14.04 -21.28 3.27
CA GLN B 63 15.11 -21.90 4.02
C GLN B 63 14.77 -21.88 5.51
N TRP B 64 14.33 -20.71 5.98
CA TRP B 64 13.98 -20.51 7.38
C TRP B 64 12.75 -21.31 7.78
N LEU B 65 11.72 -21.26 6.95
CA LEU B 65 10.48 -21.96 7.24
C LEU B 65 10.70 -23.46 7.50
N LEU B 66 11.70 -24.04 6.85
CA LEU B 66 11.98 -25.46 7.00
C LEU B 66 13.06 -25.77 8.06
N THR B 67 13.96 -24.82 8.30
CA THR B 67 15.03 -25.00 9.29
C THR B 67 15.37 -23.67 9.98
N GLY B 68 16.50 -23.08 9.57
CA GLY B 68 16.94 -21.80 10.11
C GLY B 68 17.02 -21.68 11.61
N GLU B 69 16.91 -20.43 12.08
CA GLU B 69 16.97 -20.12 13.51
C GLU B 69 16.39 -18.73 13.74
N GLY B 70 16.14 -18.02 12.65
CA GLY B 70 15.59 -16.69 12.71
C GLY B 70 15.90 -15.89 11.45
N GLU B 71 16.02 -16.60 10.32
CA GLU B 71 16.33 -15.96 9.05
C GLU B 71 15.11 -15.74 8.15
N ALA B 72 13.99 -15.34 8.74
CA ALA B 72 12.78 -15.10 7.94
C ALA B 72 12.84 -13.69 7.37
N PHE B 73 12.17 -12.77 8.07
CA PHE B 73 12.13 -11.35 7.70
C PHE B 73 12.00 -10.56 9.01
N VAL B 74 10.98 -9.72 9.12
CA VAL B 74 10.77 -8.95 10.35
C VAL B 74 9.28 -8.70 10.53
N ASN B 75 8.63 -9.50 11.35
CA ASN B 75 7.19 -9.35 11.60
C ASN B 75 6.90 -8.82 13.00
N ASN B 76 7.84 -9.03 13.91
CA ASN B 76 7.71 -8.59 15.30
C ASN B 76 7.22 -7.14 15.39
N ARG B 77 7.62 -6.34 14.42
CA ARG B 77 7.25 -4.92 14.39
C ARG B 77 7.57 -4.36 13.00
N GLU B 78 8.01 -3.10 12.94
CA GLU B 78 8.36 -2.46 11.68
C GLU B 78 9.79 -2.78 11.20
N SER B 79 9.91 -3.79 10.34
CA SER B 79 11.21 -4.19 9.79
C SER B 79 12.02 -2.95 9.46
N SER B 80 11.53 -2.24 8.44
CA SER B 80 12.12 -1.00 7.96
C SER B 80 10.90 -0.09 7.84
N ASP B 81 9.86 -0.48 8.58
CA ASP B 81 8.55 0.16 8.64
C ASP B 81 7.56 -0.69 7.84
N ALA B 82 8.10 -1.47 6.90
CA ALA B 82 7.32 -2.35 6.03
C ALA B 82 5.95 -2.73 6.58
N LYS B 83 5.89 -3.76 7.43
CA LYS B 83 4.64 -4.24 8.03
C LYS B 83 3.63 -4.85 7.06
N ARG B 84 3.49 -6.17 7.13
CA ARG B 84 2.56 -6.91 6.27
C ARG B 84 1.23 -7.09 6.98
N ILE B 85 0.15 -7.00 6.24
CA ILE B 85 -1.18 -7.19 6.82
C ILE B 85 -1.98 -8.09 5.90
N GLU B 86 -2.64 -9.09 6.47
CA GLU B 86 -3.43 -10.00 5.66
C GLU B 86 -4.54 -9.21 4.97
N GLY B 87 -4.75 -9.48 3.68
CA GLY B 87 -5.73 -8.76 2.90
C GLY B 87 -6.98 -9.51 2.51
N PHE B 88 -8.04 -8.74 2.22
CA PHE B 88 -9.32 -9.29 1.83
C PHE B 88 -10.07 -8.32 0.94
N THR B 89 -11.14 -8.80 0.34
CA THR B 89 -12.02 -7.92 -0.42
C THR B 89 -13.38 -8.24 0.20
N LEU B 90 -14.25 -7.23 0.30
CA LEU B 90 -15.57 -7.41 0.84
C LEU B 90 -16.50 -6.92 -0.27
N SER B 91 -17.32 -7.82 -0.79
CA SER B 91 -18.23 -7.47 -1.86
C SER B 91 -19.48 -8.29 -1.70
N GLU B 92 -20.64 -7.66 -1.86
CA GLU B 92 -21.90 -8.35 -1.69
C GLU B 92 -21.99 -9.13 -0.36
N GLU B 93 -21.51 -8.49 0.70
CA GLU B 93 -21.57 -9.03 2.04
C GLU B 93 -20.74 -10.29 2.24
N ILE B 94 -19.82 -10.56 1.33
CA ILE B 94 -18.95 -11.70 1.43
C ILE B 94 -17.50 -11.28 1.54
N LEU B 95 -16.82 -11.82 2.54
CA LEU B 95 -15.42 -11.51 2.76
C LEU B 95 -14.57 -12.59 2.12
N LYS B 96 -13.70 -12.19 1.21
CA LYS B 96 -12.83 -13.14 0.52
C LYS B 96 -11.36 -12.84 0.78
N SER B 97 -10.57 -13.90 0.97
CA SER B 97 -9.14 -13.73 1.19
C SER B 97 -8.53 -13.09 -0.06
N ASP B 98 -7.43 -12.38 0.10
CA ASP B 98 -6.79 -11.76 -1.05
C ASP B 98 -5.32 -11.51 -0.70
N LYS B 99 -4.61 -10.81 -1.56
CA LYS B 99 -3.20 -10.52 -1.33
C LYS B 99 -2.86 -9.76 -0.05
N GLN B 100 -1.71 -10.11 0.52
CA GLN B 100 -1.23 -9.44 1.71
C GLN B 100 -1.04 -7.98 1.26
N LEU B 101 -1.09 -7.04 2.21
CA LEU B 101 -0.89 -5.64 1.86
C LEU B 101 0.27 -5.12 2.68
N SER B 102 1.24 -4.46 2.04
CA SER B 102 2.37 -3.93 2.78
C SER B 102 2.07 -2.49 3.14
N VAL B 103 2.17 -2.15 4.42
CA VAL B 103 1.86 -0.81 4.87
C VAL B 103 2.72 -0.34 6.03
N ASP B 104 3.11 0.92 5.98
CA ASP B 104 3.96 1.53 6.99
C ASP B 104 3.40 1.59 8.40
N ALA B 105 4.27 1.37 9.39
CA ALA B 105 3.86 1.39 10.78
C ALA B 105 3.38 2.80 11.18
N GLN B 106 3.81 3.80 10.42
CA GLN B 106 3.43 5.18 10.70
C GLN B 106 1.93 5.42 10.47
N PHE B 107 1.26 4.45 9.87
CA PHE B 107 -0.19 4.54 9.61
C PHE B 107 -0.96 4.33 10.91
N PHE B 108 -0.32 3.70 11.89
CA PHE B 108 -1.00 3.38 13.14
C PHE B 108 -0.29 3.91 14.37
N THR B 109 -0.96 4.76 15.14
CA THR B 109 -0.32 5.28 16.33
C THR B 109 -0.20 4.13 17.32
N LYS B 110 -1.14 3.19 17.25
CA LYS B 110 -1.12 1.98 18.09
C LYS B 110 -0.68 0.83 17.20
N PRO B 111 0.23 -0.03 17.69
CA PRO B 111 0.68 -1.16 16.87
C PRO B 111 -0.49 -2.04 16.45
N LEU B 112 -0.53 -2.45 15.19
CA LEU B 112 -1.60 -3.28 14.68
C LEU B 112 -1.12 -4.72 14.55
N THR B 113 -1.09 -5.44 15.68
CA THR B 113 -0.61 -6.82 15.69
C THR B 113 -1.55 -7.83 15.05
N ASP B 114 -2.86 -7.65 15.24
CA ASP B 114 -3.78 -8.60 14.64
C ASP B 114 -4.71 -7.84 13.71
N GLY B 115 -4.16 -7.44 12.56
CA GLY B 115 -4.93 -6.67 11.60
C GLY B 115 -5.42 -7.34 10.33
N MET B 116 -6.31 -6.63 9.63
CA MET B 116 -6.89 -7.06 8.38
C MET B 116 -6.90 -5.80 7.51
N ALA B 117 -6.67 -5.96 6.21
CA ALA B 117 -6.71 -4.84 5.25
C ALA B 117 -7.82 -5.30 4.32
N ILE B 118 -8.94 -4.61 4.36
CA ILE B 118 -10.11 -5.01 3.58
C ILE B 118 -10.47 -4.03 2.48
N ARG B 119 -10.46 -4.52 1.24
CA ARG B 119 -10.82 -3.72 0.08
C ARG B 119 -12.34 -3.70 -0.07
N SER B 120 -12.91 -2.52 -0.05
CA SER B 120 -14.35 -2.42 -0.18
C SER B 120 -14.69 -1.06 -0.82
N GLU B 121 -15.08 -1.11 -2.08
CA GLU B 121 -15.46 0.06 -2.86
C GLU B 121 -14.54 1.27 -2.84
N GLY B 122 -13.38 1.13 -3.48
CA GLY B 122 -12.43 2.23 -3.55
C GLY B 122 -11.76 2.60 -2.26
N LYS B 123 -12.00 1.81 -1.22
CA LYS B 123 -11.37 2.11 0.04
C LYS B 123 -10.74 0.85 0.61
N ILE B 124 -9.73 1.04 1.44
CA ILE B 124 -9.09 -0.06 2.12
C ILE B 124 -9.27 0.27 3.59
N TYR B 125 -10.00 -0.59 4.28
CA TYR B 125 -10.24 -0.39 5.71
C TYR B 125 -9.22 -1.24 6.48
N PHE B 126 -8.52 -0.63 7.42
CA PHE B 126 -7.55 -1.34 8.22
C PHE B 126 -8.28 -1.65 9.52
N VAL B 127 -8.43 -2.93 9.80
CA VAL B 127 -9.20 -3.41 10.96
C VAL B 127 -8.36 -4.12 12.02
N ASP B 128 -8.58 -3.77 13.29
CA ASP B 128 -7.89 -4.37 14.43
C ASP B 128 -8.83 -5.42 15.02
N LYS B 129 -8.53 -6.69 14.79
CA LYS B 129 -9.40 -7.76 15.29
C LYS B 129 -9.39 -7.90 16.79
N GLN B 130 -8.40 -7.33 17.46
CA GLN B 130 -8.28 -7.42 18.90
C GLN B 130 -8.86 -6.24 19.67
N ALA B 131 -9.43 -5.28 18.96
CA ALA B 131 -9.96 -4.07 19.60
C ALA B 131 -11.00 -4.31 20.68
N SER B 132 -10.89 -3.57 21.79
CA SER B 132 -11.90 -3.71 22.82
C SER B 132 -13.18 -3.06 22.23
N LEU B 133 -14.35 -3.52 22.63
CA LEU B 133 -15.60 -2.97 22.09
C LEU B 133 -15.72 -1.50 22.50
N SER B 134 -15.96 -0.63 21.52
CA SER B 134 -16.08 0.81 21.79
C SER B 134 -16.83 1.41 20.61
N ASP B 135 -17.31 2.65 20.75
CA ASP B 135 -18.06 3.27 19.67
C ASP B 135 -17.13 3.45 18.51
N GLY B 136 -17.65 3.38 17.28
CA GLY B 136 -16.77 3.57 16.13
C GLY B 136 -17.19 2.74 14.95
N LEU B 137 -16.37 2.68 13.91
CA LEU B 137 -16.68 1.89 12.73
C LEU B 137 -16.10 0.50 12.95
N TRP B 138 -16.91 -0.52 12.68
CA TRP B 138 -16.52 -1.90 12.87
C TRP B 138 -16.88 -2.83 11.72
N LEU B 139 -16.06 -3.87 11.56
CA LEU B 139 -16.34 -4.94 10.62
C LEU B 139 -17.19 -5.89 11.47
N VAL B 140 -18.38 -6.24 11.00
CA VAL B 140 -19.27 -7.11 11.77
C VAL B 140 -19.83 -8.25 10.89
N ASP B 141 -20.42 -9.22 11.56
CA ASP B 141 -21.05 -10.37 10.90
C ASP B 141 -22.46 -10.42 11.49
N ILE B 142 -23.47 -10.18 10.65
CA ILE B 142 -24.85 -10.22 11.08
C ILE B 142 -25.53 -11.33 10.27
N LYS B 143 -25.78 -12.46 10.92
CA LYS B 143 -26.42 -13.62 10.27
C LYS B 143 -25.63 -14.04 9.04
N GLY B 144 -24.30 -14.04 9.17
CA GLY B 144 -23.43 -14.42 8.08
C GLY B 144 -23.09 -13.31 7.09
N ALA B 145 -23.86 -12.23 7.08
CA ALA B 145 -23.55 -11.15 6.15
C ALA B 145 -22.48 -10.28 6.79
N ILE B 146 -21.36 -10.09 6.08
CA ILE B 146 -20.25 -9.28 6.59
C ILE B 146 -20.41 -7.82 6.10
N SER B 147 -20.22 -6.85 6.99
CA SER B 147 -20.35 -5.44 6.57
C SER B 147 -19.55 -4.54 7.51
N ILE B 148 -19.48 -3.26 7.18
CA ILE B 148 -18.79 -2.26 8.00
C ILE B 148 -19.96 -1.41 8.50
N ARG B 149 -20.09 -1.29 9.83
CA ARG B 149 -21.18 -0.57 10.43
C ARG B 149 -20.66 0.33 11.56
N GLU B 150 -21.32 1.45 11.77
CA GLU B 150 -20.96 2.32 12.88
C GLU B 150 -21.69 1.73 14.11
N LEU B 151 -20.96 1.47 15.19
CA LEU B 151 -21.58 0.95 16.40
C LEU B 151 -21.51 1.99 17.50
N THR B 152 -22.57 2.07 18.31
CA THR B 152 -22.58 2.95 19.46
C THR B 152 -22.99 2.07 20.64
N LYS B 153 -22.17 2.01 21.69
CA LYS B 153 -22.53 1.20 22.86
C LYS B 153 -23.69 1.86 23.60
N LEU B 154 -24.64 1.07 24.03
CA LEU B 154 -25.79 1.60 24.75
C LEU B 154 -25.80 0.93 26.12
N PRO B 155 -26.49 1.55 27.10
CA PRO B 155 -26.50 0.90 28.41
C PRO B 155 -27.16 -0.45 28.30
N GLY B 156 -26.90 -1.31 29.28
CA GLY B 156 -27.52 -2.62 29.28
C GLY B 156 -26.97 -3.61 28.27
N ARG B 157 -25.70 -3.45 27.93
CA ARG B 157 -25.02 -4.34 27.02
C ARG B 157 -25.75 -4.39 25.67
N LYS B 158 -26.06 -3.19 25.18
CA LYS B 158 -26.74 -3.08 23.91
C LYS B 158 -25.92 -2.25 22.94
N LEU B 159 -26.31 -2.32 21.67
CA LEU B 159 -25.63 -1.56 20.62
C LEU B 159 -26.62 -0.94 19.66
N HIS B 160 -26.24 0.22 19.12
CA HIS B 160 -27.01 0.86 18.06
C HIS B 160 -26.09 0.57 16.84
N VAL B 161 -26.69 0.08 15.76
CA VAL B 161 -25.96 -0.32 14.58
C VAL B 161 -26.45 0.51 13.40
N ALA B 162 -25.53 1.22 12.76
CA ALA B 162 -25.94 2.09 11.65
C ALA B 162 -25.06 1.86 10.43
N GLY B 163 -25.62 2.18 9.25
CA GLY B 163 -24.93 2.04 7.98
C GLY B 163 -25.56 0.93 7.14
N GLY B 164 -25.51 1.08 5.81
CA GLY B 164 -26.03 0.05 4.92
C GLY B 164 -27.55 0.12 4.77
N LYS B 165 -28.23 -0.20 5.85
CA LYS B 165 -29.68 -0.14 5.86
C LYS B 165 -30.12 0.74 7.01
N VAL B 166 -31.43 0.84 7.21
CA VAL B 166 -31.97 1.66 8.31
C VAL B 166 -31.29 1.16 9.59
N PRO B 167 -30.99 2.06 10.53
CA PRO B 167 -30.33 1.68 11.79
C PRO B 167 -31.21 0.85 12.71
N PHE B 168 -30.60 0.06 13.59
CA PHE B 168 -31.38 -0.74 14.53
C PHE B 168 -30.60 -0.88 15.83
N GLU B 169 -31.25 -1.44 16.86
CA GLU B 169 -30.56 -1.64 18.14
C GLU B 169 -30.64 -3.11 18.48
N CYS B 170 -29.64 -3.65 19.16
CA CYS B 170 -29.67 -5.07 19.51
C CYS B 170 -28.75 -5.29 20.71
N GLY B 171 -28.66 -6.53 21.18
CA GLY B 171 -27.77 -6.74 22.30
C GLY B 171 -26.39 -7.14 21.77
N ILE B 172 -25.37 -7.07 22.62
CA ILE B 172 -24.04 -7.49 22.15
C ILE B 172 -24.04 -8.99 21.85
N ASP B 173 -25.08 -9.71 22.28
CA ASP B 173 -25.10 -11.15 21.98
C ASP B 173 -25.78 -11.40 20.64
N ASP B 174 -26.25 -10.33 19.99
CA ASP B 174 -26.97 -10.45 18.71
C ASP B 174 -26.18 -10.33 17.43
N ILE B 175 -24.99 -9.75 17.48
CA ILE B 175 -24.20 -9.67 16.26
C ILE B 175 -22.76 -9.96 16.63
N LYS B 176 -21.97 -10.41 15.66
CA LYS B 176 -20.59 -10.74 15.94
C LYS B 176 -19.67 -9.61 15.48
N THR B 177 -18.84 -9.10 16.39
CA THR B 177 -17.92 -8.01 16.04
C THR B 177 -16.58 -8.61 15.70
N LEU B 178 -16.14 -8.37 14.47
CA LEU B 178 -14.89 -8.92 13.97
C LEU B 178 -13.66 -8.07 14.23
N GLY B 179 -13.82 -6.75 14.24
CA GLY B 179 -12.66 -5.91 14.50
C GLY B 179 -13.00 -4.45 14.28
N ARG B 180 -12.23 -3.54 14.88
CA ARG B 180 -12.50 -2.12 14.75
C ARG B 180 -11.69 -1.47 13.64
N VAL B 181 -12.32 -0.62 12.85
CA VAL B 181 -11.58 0.08 11.77
C VAL B 181 -10.68 1.09 12.47
N VAL B 182 -9.36 0.98 12.30
CA VAL B 182 -8.46 1.92 12.93
C VAL B 182 -7.92 2.94 11.91
N GLY B 183 -8.13 2.66 10.64
CA GLY B 183 -7.67 3.58 9.61
C GLY B 183 -8.35 3.28 8.30
N VAL B 184 -8.43 4.28 7.43
CA VAL B 184 -9.06 4.06 6.15
C VAL B 184 -8.28 4.79 5.05
N TYR B 185 -8.03 4.09 3.95
CA TYR B 185 -7.34 4.69 2.81
C TYR B 185 -8.36 4.77 1.70
N SER B 186 -8.53 5.96 1.11
CA SER B 186 -9.49 6.13 0.04
C SER B 186 -8.82 6.67 -1.22
N GLU B 187 -9.09 6.04 -2.35
CA GLU B 187 -8.51 6.52 -3.57
C GLU B 187 -9.34 7.72 -4.02
N VAL B 188 -8.67 8.69 -4.62
CA VAL B 188 -9.33 9.91 -5.09
C VAL B 188 -9.23 9.93 -6.62
N ASN B 189 -10.07 9.13 -7.26
CA ASN B 189 -10.09 9.03 -8.72
C ASN B 189 -10.58 10.31 -9.38
#